data_9IQS
#
_entry.id   9IQS
#
loop_
_entity.id
_entity.type
_entity.pdbx_description
1 polymer 'Muscarinic toxin 3'
2 polymer 'Muscarinic acetylcholine receptor M4,Soluble cytochrome b562'
#
loop_
_entity_poly.entity_id
_entity_poly.type
_entity_poly.pdbx_seq_one_letter_code
_entity_poly.pdbx_strand_id
1 'polypeptide(L)' LTCVTKNTIFGITTENCPAGQNLCFKRWHYVIPRYTEITRGCAATCPIPENYDSIHCCKTDKCNE A
2 'polypeptide(L)'
;HNRYETVEMVFIATVTGSLSLVTVVGNILVMLSIKVNRQLQTVNNYFLFSLACADLIIGAFSMNLYTVYIIKGYWPLGAV
VCDLWLALDYVVSNASVMNLLIISFDRYFCVTKPLTYPARRTTKMAGLMIAAAWVLSFVLWAPAILFWQFVVGKRTVPDN
QCFIQFLSNPAVTFGTAIAAFYLPVVIMTVLYIHISLASRSRVADLEDNWETLNDNLKVIEKADNAAQVKDALTKMRAAA
LDAQKASGSGSPEMKDFRHGFDILVGQIDDALKLANEGKVKEAQAAAEQLKTTRNAYIQKYLRMAARERKVTRTIFAILL
AFILTWTPYNVMVLVNTFCQSCIPDTVWSIGYWLCYVNSTINPACYALCNATFKKTFRHLLLKIAALKEKIAALKEKIAA
LKEAEEKRASRLEEELRRRLTEGSHHHHHHHH
;
B
#
# COMPACT_ATOMS: atom_id res chain seq x y z
N LEU A 1 36.76 4.71 18.96
CA LEU A 1 36.04 3.47 19.26
C LEU A 1 35.18 3.05 18.08
N THR A 2 34.56 1.88 18.18
CA THR A 2 33.85 1.27 17.07
C THR A 2 32.34 1.42 17.25
N CYS A 3 31.65 1.72 16.16
CA CYS A 3 30.20 1.78 16.13
C CYS A 3 29.73 1.38 14.75
N VAL A 4 28.51 0.84 14.67
CA VAL A 4 27.95 0.42 13.40
C VAL A 4 27.46 1.66 12.67
N THR A 5 28.10 1.98 11.53
CA THR A 5 27.85 3.26 10.87
C THR A 5 26.45 3.32 10.27
N LYS A 6 25.85 2.18 9.93
CA LYS A 6 24.55 2.16 9.28
C LYS A 6 24.06 0.72 9.23
N ASN A 7 22.87 0.54 8.67
CA ASN A 7 22.31 -0.79 8.45
C ASN A 7 21.87 -0.89 7.00
N THR A 8 22.02 -2.09 6.43
CA THR A 8 21.71 -2.34 5.04
C THR A 8 21.22 -3.78 4.92
N ILE A 9 20.52 -4.07 3.82
CA ILE A 9 19.96 -5.39 3.61
C ILE A 9 21.04 -6.46 3.65
N PHE A 10 22.27 -6.11 3.27
CA PHE A 10 23.35 -7.08 3.27
C PHE A 10 23.84 -7.38 4.69
N GLY A 11 24.32 -6.35 5.38
CA GLY A 11 24.85 -6.54 6.71
C GLY A 11 25.31 -5.24 7.32
N ILE A 12 25.90 -5.35 8.51
CA ILE A 12 26.35 -4.20 9.27
C ILE A 12 27.73 -3.77 8.80
N THR A 13 28.16 -2.57 9.20
CA THR A 13 29.47 -2.04 8.84
C THR A 13 30.01 -1.29 10.06
N THR A 14 30.86 -1.95 10.84
CA THR A 14 31.48 -1.32 12.00
C THR A 14 32.63 -0.43 11.56
N GLU A 15 32.76 0.72 12.22
CA GLU A 15 33.76 1.70 11.88
C GLU A 15 34.37 2.27 13.16
N ASN A 16 35.55 2.88 13.02
CA ASN A 16 36.25 3.51 14.13
C ASN A 16 36.64 4.93 13.69
N CYS A 17 35.72 5.87 13.90
CA CYS A 17 36.03 7.27 13.62
C CYS A 17 37.08 7.77 14.62
N PRO A 18 37.94 8.70 14.19
CA PRO A 18 39.06 9.13 15.05
C PRO A 18 38.62 9.91 16.27
N ALA A 19 39.59 10.44 17.02
CA ALA A 19 39.33 11.20 18.24
C ALA A 19 38.46 12.43 18.01
N GLY A 20 38.19 12.79 16.76
CA GLY A 20 37.21 13.83 16.47
C GLY A 20 35.81 13.23 16.43
N GLN A 21 34.83 14.01 16.91
CA GLN A 21 33.45 13.55 17.05
C GLN A 21 33.38 12.31 17.93
N ASN A 22 33.98 12.39 19.11
CA ASN A 22 34.08 11.24 20.02
C ASN A 22 32.75 10.95 20.69
N LEU A 23 31.78 10.47 19.91
CA LEU A 23 30.46 10.15 20.44
C LEU A 23 29.69 9.42 19.36
N CYS A 24 28.83 8.48 19.76
CA CYS A 24 28.01 7.71 18.82
C CYS A 24 26.56 8.07 19.09
N PHE A 25 26.00 8.91 18.23
CA PHE A 25 24.59 9.25 18.31
C PHE A 25 23.81 8.34 17.37
N LYS A 26 22.75 7.72 17.89
CA LYS A 26 21.86 6.90 17.08
C LYS A 26 20.46 7.52 17.07
N ARG A 27 19.94 7.74 15.86
CA ARG A 27 18.71 8.49 15.61
C ARG A 27 17.71 7.65 14.84
N TRP A 28 16.45 7.76 15.26
CA TRP A 28 15.29 7.27 14.53
C TRP A 28 14.40 8.47 14.20
N HIS A 29 14.07 8.63 12.92
CA HIS A 29 13.17 9.67 12.45
C HIS A 29 12.06 9.04 11.63
N TYR A 30 10.83 9.19 12.08
CA TYR A 30 9.70 8.45 11.55
C TYR A 30 8.98 9.33 10.54
N VAL A 31 9.07 8.98 9.26
CA VAL A 31 8.54 9.83 8.21
C VAL A 31 7.20 9.32 7.69
N ILE A 32 7.03 8.01 7.62
CA ILE A 32 5.82 7.39 7.07
C ILE A 32 5.38 6.34 8.07
N PRO A 33 4.09 5.99 8.13
CA PRO A 33 3.69 4.77 8.85
C PRO A 33 4.48 3.54 8.43
N ARG A 34 5.16 3.61 7.28
CA ARG A 34 5.93 2.49 6.75
C ARG A 34 7.36 2.90 6.41
N TYR A 35 7.90 3.92 7.07
CA TYR A 35 9.30 4.28 6.84
C TYR A 35 9.84 5.04 8.04
N THR A 36 10.91 4.50 8.63
CA THR A 36 11.63 5.13 9.74
C THR A 36 13.09 5.24 9.33
N GLU A 37 13.51 6.43 8.94
CA GLU A 37 14.89 6.66 8.57
C GLU A 37 15.78 6.55 9.82
N ILE A 38 16.95 5.94 9.66
CA ILE A 38 17.82 5.58 10.78
C ILE A 38 19.23 6.09 10.51
N THR A 39 19.85 6.70 11.53
CA THR A 39 21.26 7.06 11.46
C THR A 39 21.99 6.56 12.70
N ARG A 40 23.28 6.28 12.51
CA ARG A 40 24.20 5.96 13.62
C ARG A 40 25.54 6.57 13.24
N GLY A 41 25.96 7.61 13.96
CA GLY A 41 27.14 8.34 13.54
C GLY A 41 27.95 8.88 14.70
N CYS A 42 29.04 9.55 14.35
CA CYS A 42 29.95 10.14 15.32
C CYS A 42 29.71 11.64 15.43
N ALA A 43 29.67 12.13 16.66
CA ALA A 43 29.41 13.53 16.97
C ALA A 43 30.09 13.87 18.29
N ALA A 44 30.00 15.14 18.69
CA ALA A 44 30.67 15.65 19.88
C ALA A 44 29.70 16.40 20.78
N THR A 45 28.52 15.84 21.00
CA THR A 45 27.55 16.40 21.94
C THR A 45 26.54 15.31 22.28
N CYS A 46 26.42 14.99 23.57
CA CYS A 46 25.50 13.94 24.02
C CYS A 46 24.05 14.39 24.18
N PRO A 47 23.75 15.56 24.83
CA PRO A 47 22.35 15.88 25.12
C PRO A 47 21.43 15.79 23.90
N ILE A 48 21.71 16.59 22.87
CA ILE A 48 20.98 16.55 21.61
C ILE A 48 19.48 16.60 21.84
N PRO A 49 18.91 17.76 22.17
CA PRO A 49 17.45 17.87 22.20
C PRO A 49 16.85 17.49 20.85
N GLU A 50 15.70 16.84 20.88
CA GLU A 50 15.19 16.15 19.71
C GLU A 50 13.97 16.85 19.13
N ASN A 51 13.92 16.91 17.81
CA ASN A 51 12.73 17.35 17.08
C ASN A 51 11.93 16.12 16.67
N TYR A 52 11.39 15.45 17.69
CA TYR A 52 10.62 14.22 17.55
C TYR A 52 11.41 13.11 16.90
N ASP A 53 12.73 13.12 17.06
CA ASP A 53 13.63 12.15 16.44
C ASP A 53 14.40 11.47 17.56
N SER A 54 14.02 10.25 17.90
CA SER A 54 14.56 9.61 19.09
C SER A 54 16.05 9.32 18.91
N ILE A 55 16.86 9.79 19.87
CA ILE A 55 18.31 9.67 19.76
C ILE A 55 18.87 9.16 21.08
N HIS A 56 19.99 8.46 20.98
CA HIS A 56 20.68 7.98 22.19
C HIS A 56 22.19 8.01 21.97
N CYS A 57 22.92 8.05 23.09
CA CYS A 57 24.36 8.19 23.13
C CYS A 57 25.04 6.83 23.33
N CYS A 58 26.24 6.70 22.77
CA CYS A 58 27.05 5.49 22.91
C CYS A 58 28.53 5.83 22.83
N LYS A 59 29.33 5.18 23.67
CA LYS A 59 30.79 5.33 23.63
C LYS A 59 31.48 3.99 23.90
N THR A 60 31.00 2.91 23.26
CA THR A 60 31.53 1.57 23.49
C THR A 60 31.96 0.93 22.17
N ASP A 61 32.29 -0.36 22.23
CA ASP A 61 32.82 -1.10 21.08
C ASP A 61 31.74 -1.79 20.25
N LYS A 62 30.55 -1.97 20.80
CA LYS A 62 29.41 -2.45 20.01
C LYS A 62 28.14 -1.97 20.72
N CYS A 63 27.57 -0.86 20.24
CA CYS A 63 26.46 -0.20 20.91
C CYS A 63 25.27 0.12 20.00
N ASN A 64 25.45 0.11 18.70
CA ASN A 64 24.39 0.46 17.75
C ASN A 64 24.21 -0.64 16.72
N GLU A 65 24.12 -1.89 17.20
CA GLU A 65 23.88 -3.04 16.36
C GLU A 65 22.57 -2.92 15.59
N ARG B 3 -1.48 32.17 5.39
CA ARG B 3 -0.66 32.72 4.32
C ARG B 3 0.67 31.98 4.22
N TYR B 4 1.24 31.62 5.38
CA TYR B 4 2.54 30.96 5.44
C TYR B 4 2.39 29.45 5.61
N GLU B 5 1.73 29.03 6.67
CA GLU B 5 1.57 27.60 6.95
C GLU B 5 0.12 27.20 7.19
N THR B 6 -0.67 28.06 7.83
CA THR B 6 -2.06 27.71 8.12
C THR B 6 -2.87 27.51 6.85
N VAL B 7 -2.67 28.38 5.85
CA VAL B 7 -3.41 28.23 4.61
C VAL B 7 -3.02 26.95 3.89
N GLU B 8 -1.74 26.57 3.95
CA GLU B 8 -1.29 25.32 3.34
C GLU B 8 -1.89 24.12 4.07
N MET B 9 -1.94 24.18 5.40
CA MET B 9 -2.55 23.10 6.17
C MET B 9 -4.03 22.95 5.82
N VAL B 10 -4.74 24.08 5.71
CA VAL B 10 -6.15 24.03 5.33
C VAL B 10 -6.31 23.45 3.94
N PHE B 11 -5.45 23.88 3.01
CA PHE B 11 -5.47 23.34 1.65
C PHE B 11 -5.32 21.82 1.65
N ILE B 12 -4.29 21.33 2.34
CA ILE B 12 -4.01 19.89 2.33
C ILE B 12 -5.16 19.13 3.00
N ALA B 13 -5.63 19.61 4.14
CA ALA B 13 -6.70 18.91 4.85
C ALA B 13 -7.97 18.86 4.00
N THR B 14 -8.32 19.99 3.36
CA THR B 14 -9.53 20.04 2.55
C THR B 14 -9.41 19.12 1.33
N VAL B 15 -8.26 19.12 0.65
CA VAL B 15 -8.14 18.29 -0.54
C VAL B 15 -8.14 16.81 -0.17
N THR B 16 -7.49 16.43 0.93
CA THR B 16 -7.52 15.05 1.36
C THR B 16 -8.93 14.62 1.77
N GLY B 17 -9.66 15.49 2.48
CA GLY B 17 -11.02 15.18 2.83
C GLY B 17 -11.92 15.02 1.61
N SER B 18 -11.73 15.90 0.62
CA SER B 18 -12.50 15.80 -0.62
C SER B 18 -12.19 14.50 -1.35
N LEU B 19 -10.92 14.12 -1.39
CA LEU B 19 -10.56 12.84 -2.02
C LEU B 19 -11.19 11.67 -1.29
N SER B 20 -11.16 11.69 0.04
CA SER B 20 -11.78 10.61 0.81
C SER B 20 -13.27 10.53 0.53
N LEU B 21 -13.94 11.69 0.53
CA LEU B 21 -15.38 11.71 0.29
C LEU B 21 -15.73 11.22 -1.11
N VAL B 22 -14.96 11.65 -2.12
CA VAL B 22 -15.28 11.23 -3.49
C VAL B 22 -15.02 9.75 -3.67
N THR B 23 -13.96 9.21 -3.04
CA THR B 23 -13.72 7.78 -3.11
C THR B 23 -14.87 7.02 -2.46
N VAL B 24 -15.30 7.46 -1.28
CA VAL B 24 -16.38 6.77 -0.57
C VAL B 24 -17.64 6.77 -1.41
N VAL B 25 -18.02 7.93 -1.94
CA VAL B 25 -19.28 8.03 -2.67
C VAL B 25 -19.20 7.23 -3.97
N GLY B 26 -18.04 7.26 -4.65
CA GLY B 26 -17.91 6.49 -5.87
C GLY B 26 -18.03 5.00 -5.63
N ASN B 27 -17.33 4.50 -4.61
CA ASN B 27 -17.42 3.07 -4.32
C ASN B 27 -18.83 2.66 -3.92
N ILE B 28 -19.48 3.44 -3.05
CA ILE B 28 -20.81 3.05 -2.61
C ILE B 28 -21.80 3.12 -3.77
N LEU B 29 -21.68 4.13 -4.63
CA LEU B 29 -22.61 4.23 -5.75
C LEU B 29 -22.40 3.09 -6.75
N VAL B 30 -21.14 2.72 -7.03
CA VAL B 30 -20.91 1.68 -8.01
C VAL B 30 -21.41 0.33 -7.47
N MET B 31 -21.18 0.05 -6.17
CA MET B 31 -21.67 -1.23 -5.67
C MET B 31 -23.19 -1.24 -5.47
N LEU B 32 -23.80 -0.10 -5.13
CA LEU B 32 -25.25 -0.03 -5.10
C LEU B 32 -25.83 -0.25 -6.49
N SER B 33 -25.21 0.31 -7.52
CA SER B 33 -25.62 0.02 -8.89
C SER B 33 -25.49 -1.46 -9.19
N ILE B 34 -24.40 -2.09 -8.73
CA ILE B 34 -24.20 -3.51 -8.95
C ILE B 34 -25.34 -4.32 -8.34
N LYS B 35 -25.69 -4.00 -7.09
CA LYS B 35 -26.71 -4.81 -6.40
C LYS B 35 -28.14 -4.42 -6.76
N VAL B 36 -28.35 -3.29 -7.42
CA VAL B 36 -29.69 -2.85 -7.80
C VAL B 36 -30.03 -3.23 -9.24
N ASN B 37 -29.06 -3.11 -10.16
CA ASN B 37 -29.34 -3.40 -11.56
C ASN B 37 -29.77 -4.86 -11.75
N ARG B 38 -29.04 -5.78 -11.13
CA ARG B 38 -29.35 -7.21 -11.12
C ARG B 38 -29.38 -7.84 -12.52
N GLN B 39 -29.00 -7.08 -13.56
CA GLN B 39 -28.88 -7.61 -14.90
C GLN B 39 -27.52 -8.24 -15.15
N LEU B 40 -26.60 -8.14 -14.19
CA LEU B 40 -25.25 -8.66 -14.31
C LEU B 40 -25.02 -9.70 -13.22
N GLN B 41 -24.54 -10.88 -13.62
CA GLN B 41 -24.25 -11.96 -12.68
C GLN B 41 -22.97 -12.68 -13.06
N THR B 42 -21.96 -11.94 -13.52
CA THR B 42 -20.70 -12.53 -13.90
C THR B 42 -19.69 -12.43 -12.75
N VAL B 43 -18.74 -13.37 -12.74
CA VAL B 43 -17.76 -13.44 -11.67
C VAL B 43 -16.91 -12.18 -11.63
N ASN B 44 -16.62 -11.61 -12.81
CA ASN B 44 -15.80 -10.40 -12.88
C ASN B 44 -16.47 -9.25 -12.11
N ASN B 45 -17.81 -9.18 -12.18
CA ASN B 45 -18.51 -8.11 -11.47
C ASN B 45 -18.48 -8.34 -9.96
N TYR B 46 -18.51 -9.60 -9.52
CA TYR B 46 -18.33 -9.86 -8.09
C TYR B 46 -16.93 -9.47 -7.64
N PHE B 47 -15.92 -9.74 -8.46
CA PHE B 47 -14.56 -9.30 -8.15
C PHE B 47 -14.50 -7.78 -8.08
N LEU B 48 -15.19 -7.11 -8.99
CA LEU B 48 -15.26 -5.65 -8.98
C LEU B 48 -15.91 -5.14 -7.70
N PHE B 49 -16.97 -5.81 -7.27
CA PHE B 49 -17.63 -5.45 -6.01
C PHE B 49 -16.69 -5.58 -4.83
N SER B 50 -15.97 -6.71 -4.76
CA SER B 50 -15.03 -6.91 -3.66
C SER B 50 -13.92 -5.85 -3.68
N LEU B 51 -13.41 -5.56 -4.88
CA LEU B 51 -12.34 -4.56 -5.00
C LEU B 51 -12.86 -3.18 -4.61
N ALA B 52 -14.12 -2.88 -4.93
CA ALA B 52 -14.69 -1.58 -4.56
C ALA B 52 -14.89 -1.47 -3.05
N CYS B 53 -15.30 -2.57 -2.41
CA CYS B 53 -15.42 -2.56 -0.95
C CYS B 53 -14.06 -2.33 -0.29
N ALA B 54 -13.05 -3.08 -0.73
CA ALA B 54 -11.70 -2.84 -0.23
C ALA B 54 -11.25 -1.42 -0.54
N ASP B 55 -11.68 -0.88 -1.69
CA ASP B 55 -11.30 0.47 -2.09
C ASP B 55 -11.87 1.50 -1.14
N LEU B 56 -13.15 1.38 -0.79
CA LEU B 56 -13.73 2.35 0.13
C LEU B 56 -13.08 2.24 1.50
N ILE B 57 -12.80 1.01 1.96
CA ILE B 57 -12.14 0.85 3.26
C ILE B 57 -10.79 1.54 3.24
N ILE B 58 -9.97 1.22 2.23
CA ILE B 58 -8.65 1.84 2.08
C ILE B 58 -8.80 3.36 2.09
N GLY B 59 -9.52 3.89 1.12
CA GLY B 59 -9.71 5.32 0.99
C GLY B 59 -10.10 5.97 2.30
N ALA B 60 -11.30 5.69 2.79
CA ALA B 60 -11.80 6.35 3.99
C ALA B 60 -10.84 6.19 5.15
N PHE B 61 -10.68 4.96 5.65
CA PHE B 61 -9.94 4.78 6.90
C PHE B 61 -8.48 5.19 6.74
N SER B 62 -7.82 4.67 5.72
CA SER B 62 -6.39 4.92 5.57
C SER B 62 -6.10 6.39 5.37
N MET B 63 -6.80 7.07 4.44
CA MET B 63 -6.46 8.47 4.22
C MET B 63 -6.83 9.33 5.42
N ASN B 64 -7.96 9.05 6.08
CA ASN B 64 -8.32 9.84 7.26
C ASN B 64 -7.26 9.72 8.34
N LEU B 65 -6.83 8.48 8.64
CA LEU B 65 -5.88 8.30 9.73
C LEU B 65 -4.48 8.76 9.32
N TYR B 66 -4.10 8.59 8.05
CA TYR B 66 -2.82 9.09 7.59
C TYR B 66 -2.79 10.62 7.61
N THR B 67 -3.92 11.27 7.37
CA THR B 67 -3.97 12.72 7.47
C THR B 67 -3.87 13.18 8.91
N VAL B 68 -4.62 12.54 9.82
CA VAL B 68 -4.51 12.95 11.21
C VAL B 68 -3.13 12.62 11.78
N TYR B 69 -2.42 11.67 11.17
CA TYR B 69 -1.01 11.45 11.50
C TYR B 69 -0.09 12.48 10.90
N ILE B 70 -0.35 12.94 9.69
CA ILE B 70 0.54 13.87 9.01
C ILE B 70 0.20 15.33 9.30
N ILE B 71 -0.96 15.60 9.91
CA ILE B 71 -1.35 16.99 10.15
C ILE B 71 -0.42 17.63 11.18
N LYS B 72 0.14 16.85 12.10
CA LYS B 72 1.04 17.38 13.12
C LYS B 72 2.44 16.77 13.03
N GLY B 73 2.55 15.46 12.91
CA GLY B 73 3.85 14.83 12.88
C GLY B 73 3.98 13.71 13.88
N TYR B 74 2.85 13.26 14.42
CA TYR B 74 2.81 12.16 15.37
C TYR B 74 1.40 11.59 15.37
N TRP B 75 1.18 10.62 16.25
CA TRP B 75 -0.12 9.98 16.36
C TRP B 75 -0.87 10.62 17.52
N PRO B 76 -1.85 11.49 17.24
CA PRO B 76 -2.53 12.19 18.34
C PRO B 76 -3.27 11.25 19.28
N LEU B 77 -3.82 10.16 18.74
CA LEU B 77 -4.58 9.23 19.56
C LEU B 77 -3.67 8.50 20.54
N GLY B 78 -4.26 7.94 21.59
CA GLY B 78 -3.49 7.25 22.60
C GLY B 78 -3.06 5.85 22.21
N ALA B 79 -2.43 5.74 21.04
CA ALA B 79 -1.90 4.46 20.53
C ALA B 79 -3.05 3.47 20.42
N VAL B 80 -2.75 2.17 20.53
CA VAL B 80 -3.73 1.09 20.50
C VAL B 80 -4.48 1.09 19.16
N VAL B 81 -5.17 2.19 18.88
CA VAL B 81 -5.84 2.33 17.58
C VAL B 81 -4.81 2.34 16.46
N CYS B 82 -3.60 2.83 16.74
CA CYS B 82 -2.53 2.86 15.76
C CYS B 82 -2.23 1.48 15.18
N ASP B 83 -2.01 0.49 16.04
CA ASP B 83 -1.67 -0.84 15.57
C ASP B 83 -2.80 -1.44 14.75
N LEU B 84 -4.04 -1.29 15.22
CA LEU B 84 -5.18 -1.85 14.51
C LEU B 84 -5.34 -1.21 13.14
N TRP B 85 -5.23 0.12 13.07
CA TRP B 85 -5.36 0.80 11.78
C TRP B 85 -4.22 0.43 10.83
N LEU B 86 -3.00 0.34 11.35
CA LEU B 86 -1.87 -0.03 10.51
C LEU B 86 -2.05 -1.42 9.93
N ALA B 87 -2.41 -2.39 10.78
CA ALA B 87 -2.63 -3.74 10.30
C ALA B 87 -3.77 -3.79 9.30
N LEU B 88 -4.86 -3.08 9.56
CA LEU B 88 -6.00 -3.07 8.64
C LEU B 88 -5.60 -2.50 7.30
N ASP B 89 -4.90 -1.37 7.30
CA ASP B 89 -4.49 -0.74 6.04
C ASP B 89 -3.60 -1.67 5.23
N TYR B 90 -2.58 -2.23 5.88
CA TYR B 90 -1.64 -3.06 5.14
C TYR B 90 -2.32 -4.32 4.62
N VAL B 91 -3.19 -4.92 5.43
CA VAL B 91 -3.85 -6.16 5.03
C VAL B 91 -4.84 -5.90 3.90
N VAL B 92 -5.55 -4.77 3.93
CA VAL B 92 -6.51 -4.52 2.85
C VAL B 92 -5.78 -4.14 1.57
N SER B 93 -4.63 -3.45 1.66
CA SER B 93 -3.85 -3.21 0.46
C SER B 93 -3.38 -4.52 -0.16
N ASN B 94 -2.86 -5.43 0.66
CA ASN B 94 -2.44 -6.72 0.14
C ASN B 94 -3.64 -7.51 -0.39
N ALA B 95 -4.80 -7.38 0.25
CA ALA B 95 -5.98 -8.07 -0.22
C ALA B 95 -6.42 -7.56 -1.58
N SER B 96 -6.34 -6.25 -1.80
CA SER B 96 -6.64 -5.70 -3.12
C SER B 96 -5.65 -6.21 -4.16
N VAL B 97 -4.37 -6.30 -3.79
CA VAL B 97 -3.37 -6.82 -4.71
C VAL B 97 -3.70 -8.26 -5.09
N MET B 98 -4.04 -9.09 -4.10
CA MET B 98 -4.37 -10.48 -4.40
C MET B 98 -5.68 -10.60 -5.18
N ASN B 99 -6.62 -9.69 -4.94
CA ASN B 99 -7.86 -9.68 -5.70
C ASN B 99 -7.58 -9.42 -7.17
N LEU B 100 -6.74 -8.42 -7.46
CA LEU B 100 -6.37 -8.15 -8.84
C LEU B 100 -5.59 -9.32 -9.43
N LEU B 101 -4.74 -9.95 -8.62
CA LEU B 101 -4.03 -11.16 -9.04
C LEU B 101 -4.99 -12.25 -9.48
N ILE B 102 -6.02 -12.52 -8.69
CA ILE B 102 -6.92 -13.63 -9.01
C ILE B 102 -7.86 -13.24 -10.14
N ILE B 103 -8.18 -11.94 -10.30
CA ILE B 103 -8.89 -11.51 -11.50
C ILE B 103 -8.06 -11.81 -12.74
N SER B 104 -6.76 -11.52 -12.69
CA SER B 104 -5.90 -11.82 -13.83
C SER B 104 -5.83 -13.32 -14.09
N PHE B 105 -5.71 -14.13 -13.03
CA PHE B 105 -5.76 -15.58 -13.20
C PHE B 105 -7.05 -16.02 -13.88
N ASP B 106 -8.19 -15.52 -13.39
CA ASP B 106 -9.47 -15.94 -13.95
C ASP B 106 -9.60 -15.56 -15.41
N ARG B 107 -9.20 -14.33 -15.75
CA ARG B 107 -9.31 -13.90 -17.14
C ARG B 107 -8.39 -14.70 -18.05
N TYR B 108 -7.15 -14.96 -17.59
CA TYR B 108 -6.25 -15.78 -18.40
C TYR B 108 -6.79 -17.19 -18.60
N PHE B 109 -7.33 -17.78 -17.54
CA PHE B 109 -7.91 -19.11 -17.65
C PHE B 109 -9.06 -19.13 -18.65
N CYS B 110 -9.96 -18.14 -18.54
CA CYS B 110 -11.12 -18.10 -19.42
C CYS B 110 -10.71 -17.91 -20.88
N VAL B 111 -9.75 -17.01 -21.13
CA VAL B 111 -9.36 -16.73 -22.51
C VAL B 111 -8.59 -17.90 -23.11
N THR B 112 -7.65 -18.47 -22.35
CA THR B 112 -6.75 -19.48 -22.90
C THR B 112 -7.46 -20.80 -23.22
N LYS B 113 -8.61 -21.06 -22.61
CA LYS B 113 -9.34 -22.29 -22.87
C LYS B 113 -10.83 -22.01 -22.97
N PRO B 114 -11.47 -22.28 -24.11
CA PRO B 114 -12.93 -22.09 -24.21
C PRO B 114 -13.71 -23.00 -23.28
N LEU B 115 -13.14 -24.13 -22.86
CA LEU B 115 -13.80 -25.09 -21.99
C LEU B 115 -13.04 -25.28 -20.70
N THR B 116 -12.56 -24.18 -20.11
CA THR B 116 -11.86 -24.24 -18.84
C THR B 116 -12.84 -24.30 -17.67
N TYR B 117 -13.80 -25.21 -17.76
CA TYR B 117 -14.94 -25.24 -16.86
C TYR B 117 -15.58 -23.85 -16.70
N PRO B 118 -15.97 -23.21 -17.82
CA PRO B 118 -16.55 -21.87 -17.70
C PRO B 118 -17.90 -21.87 -17.00
N ALA B 119 -18.64 -22.98 -17.07
CA ALA B 119 -19.90 -23.11 -16.36
C ALA B 119 -19.74 -23.55 -14.92
N ARG B 120 -18.51 -23.89 -14.51
CA ARG B 120 -18.27 -24.25 -13.12
C ARG B 120 -18.26 -23.02 -12.21
N ARG B 121 -17.95 -21.86 -12.77
CA ARG B 121 -17.84 -20.63 -11.97
C ARG B 121 -19.16 -20.28 -11.32
N THR B 122 -20.17 -19.98 -12.14
CA THR B 122 -21.50 -19.53 -11.68
C THR B 122 -21.28 -18.32 -10.77
N THR B 123 -21.84 -18.31 -9.55
CA THR B 123 -21.60 -17.24 -8.59
C THR B 123 -20.93 -17.71 -7.32
N LYS B 124 -21.06 -18.98 -6.95
CA LYS B 124 -20.45 -19.48 -5.73
C LYS B 124 -18.93 -19.45 -5.81
N MET B 125 -18.38 -19.78 -6.97
CA MET B 125 -16.92 -19.80 -7.12
C MET B 125 -16.32 -18.41 -6.97
N ALA B 126 -17.00 -17.38 -7.48
CA ALA B 126 -16.49 -16.01 -7.36
C ALA B 126 -16.41 -15.60 -5.89
N GLY B 127 -17.48 -15.82 -5.14
CA GLY B 127 -17.47 -15.49 -3.72
C GLY B 127 -16.45 -16.31 -2.96
N LEU B 128 -16.31 -17.60 -3.32
CA LEU B 128 -15.33 -18.45 -2.66
C LEU B 128 -13.92 -17.93 -2.90
N MET B 129 -13.60 -17.55 -4.14
CA MET B 129 -12.29 -17.00 -4.43
C MET B 129 -12.04 -15.68 -3.70
N ILE B 130 -13.06 -14.82 -3.65
CA ILE B 130 -12.91 -13.54 -2.96
C ILE B 130 -12.64 -13.78 -1.48
N ALA B 131 -13.41 -14.65 -0.86
CA ALA B 131 -13.22 -14.95 0.55
C ALA B 131 -11.87 -15.60 0.79
N ALA B 132 -11.43 -16.47 -0.11
CA ALA B 132 -10.14 -17.12 0.02
C ALA B 132 -9.01 -16.11 -0.02
N ALA B 133 -9.07 -15.18 -0.97
CA ALA B 133 -8.04 -14.15 -1.05
C ALA B 133 -8.05 -13.27 0.20
N TRP B 134 -9.23 -12.88 0.67
CA TRP B 134 -9.32 -12.03 1.85
C TRP B 134 -8.75 -12.73 3.08
N VAL B 135 -9.14 -13.99 3.30
CA VAL B 135 -8.68 -14.70 4.49
C VAL B 135 -7.19 -15.01 4.38
N LEU B 136 -6.71 -15.27 3.17
CA LEU B 136 -5.28 -15.51 2.99
C LEU B 136 -4.47 -14.28 3.35
N SER B 137 -4.88 -13.12 2.83
CA SER B 137 -4.18 -11.88 3.18
C SER B 137 -4.27 -11.61 4.67
N PHE B 138 -5.44 -11.83 5.27
CA PHE B 138 -5.61 -11.62 6.70
C PHE B 138 -4.64 -12.48 7.50
N VAL B 139 -4.77 -13.80 7.38
CA VAL B 139 -3.92 -14.72 8.14
C VAL B 139 -2.45 -14.62 7.79
N LEU B 140 -2.12 -14.01 6.64
CA LEU B 140 -0.71 -13.85 6.28
C LEU B 140 -0.10 -12.60 6.91
N TRP B 141 -0.86 -11.50 7.02
CA TRP B 141 -0.28 -10.25 7.46
C TRP B 141 -0.74 -9.80 8.84
N ALA B 142 -2.05 -9.80 9.10
CA ALA B 142 -2.56 -9.16 10.32
C ALA B 142 -2.03 -9.78 11.61
N PRO B 143 -2.09 -11.10 11.82
CA PRO B 143 -1.52 -11.65 13.06
C PRO B 143 -0.05 -11.38 13.21
N ALA B 144 0.71 -11.37 12.10
CA ALA B 144 2.12 -11.02 12.19
C ALA B 144 2.30 -9.59 12.70
N ILE B 145 1.51 -8.65 12.17
CA ILE B 145 1.58 -7.27 12.63
C ILE B 145 1.28 -7.19 14.12
N LEU B 146 0.23 -7.88 14.55
CA LEU B 146 -0.18 -7.79 15.95
C LEU B 146 0.74 -8.54 16.90
N PHE B 147 1.48 -9.53 16.41
CA PHE B 147 2.18 -10.46 17.29
C PHE B 147 3.70 -10.33 17.30
N TRP B 148 4.33 -9.89 16.20
CA TRP B 148 5.78 -9.84 16.20
C TRP B 148 6.30 -8.75 17.13
N GLN B 149 5.50 -7.72 17.39
CA GLN B 149 5.87 -6.74 18.41
C GLN B 149 6.02 -7.39 19.77
N PHE B 150 5.09 -8.29 20.13
CA PHE B 150 5.21 -9.03 21.38
C PHE B 150 6.32 -10.07 21.29
N VAL B 151 6.59 -10.58 20.08
CA VAL B 151 7.68 -11.52 19.89
C VAL B 151 9.02 -10.87 20.25
N VAL B 152 9.20 -9.62 19.82
CA VAL B 152 10.39 -8.87 20.24
C VAL B 152 10.41 -8.73 21.75
N GLY B 153 9.26 -8.42 22.35
CA GLY B 153 9.15 -8.39 23.79
C GLY B 153 8.29 -7.25 24.33
N LYS B 154 8.24 -6.13 23.61
CA LYS B 154 7.50 -4.97 24.08
C LYS B 154 7.24 -4.08 22.88
N ARG B 155 6.27 -3.17 23.03
CA ARG B 155 6.01 -2.21 21.97
C ARG B 155 7.08 -1.13 21.93
N THR B 156 8.16 -1.38 21.18
CA THR B 156 9.22 -0.39 21.02
C THR B 156 8.71 0.86 20.33
N VAL B 157 7.61 0.77 19.60
CA VAL B 157 6.99 1.98 19.03
C VAL B 157 6.49 2.87 20.17
N PRO B 158 6.84 4.14 20.20
CA PRO B 158 6.33 5.02 21.26
C PRO B 158 4.83 5.24 21.12
N ASP B 159 4.25 5.82 22.16
CA ASP B 159 2.80 6.04 22.22
C ASP B 159 2.32 7.11 21.25
N ASN B 160 3.23 7.86 20.63
CA ASN B 160 2.87 8.91 19.69
C ASN B 160 3.27 8.60 18.26
N GLN B 161 4.00 7.51 18.04
CA GLN B 161 4.41 7.14 16.70
C GLN B 161 3.64 5.91 16.23
N CYS B 162 3.56 5.72 14.91
CA CYS B 162 2.67 4.73 14.32
C CYS B 162 3.34 3.99 13.17
N PHE B 163 4.57 3.52 13.37
CA PHE B 163 5.28 2.80 12.34
C PHE B 163 5.21 1.29 12.56
N ILE B 164 5.80 0.53 11.64
CA ILE B 164 5.75 -0.92 11.65
C ILE B 164 7.04 -1.46 12.26
N GLN B 165 6.92 -2.53 13.04
CA GLN B 165 8.07 -3.05 13.79
C GLN B 165 9.14 -3.58 12.84
N PHE B 166 8.77 -4.48 11.93
CA PHE B 166 9.80 -5.16 11.14
C PHE B 166 10.36 -4.29 10.02
N LEU B 167 9.71 -3.17 9.70
CA LEU B 167 10.25 -2.28 8.69
C LEU B 167 11.51 -1.56 9.16
N SER B 168 11.86 -1.68 10.44
CA SER B 168 13.15 -1.20 10.90
C SER B 168 14.28 -1.97 10.21
N ASN B 169 14.12 -3.27 10.04
CA ASN B 169 15.11 -4.06 9.33
C ASN B 169 15.01 -3.75 7.84
N PRO B 170 16.08 -3.26 7.21
CA PRO B 170 16.00 -2.97 5.76
C PRO B 170 15.74 -4.20 4.92
N ALA B 171 16.24 -5.37 5.34
CA ALA B 171 16.05 -6.58 4.56
C ALA B 171 14.57 -6.95 4.47
N VAL B 172 13.84 -6.81 5.57
CA VAL B 172 12.40 -7.10 5.56
C VAL B 172 11.69 -6.15 4.61
N THR B 173 12.04 -4.86 4.66
CA THR B 173 11.43 -3.88 3.76
C THR B 173 11.67 -4.27 2.31
N PHE B 174 12.93 -4.55 1.96
CA PHE B 174 13.25 -4.88 0.58
C PHE B 174 12.51 -6.13 0.13
N GLY B 175 12.51 -7.18 0.96
CA GLY B 175 11.86 -8.41 0.57
C GLY B 175 10.36 -8.25 0.39
N THR B 176 9.70 -7.61 1.36
CA THR B 176 8.26 -7.45 1.27
C THR B 176 7.89 -6.59 0.07
N ALA B 177 8.64 -5.51 -0.18
CA ALA B 177 8.35 -4.67 -1.32
C ALA B 177 8.51 -5.43 -2.62
N ILE B 178 9.67 -6.07 -2.82
CA ILE B 178 9.93 -6.73 -4.10
C ILE B 178 8.90 -7.83 -4.34
N ALA B 179 8.68 -8.69 -3.34
CA ALA B 179 7.70 -9.75 -3.54
C ALA B 179 6.32 -9.15 -3.80
N ALA B 180 5.74 -8.54 -2.75
CA ALA B 180 4.33 -8.14 -2.77
C ALA B 180 4.03 -7.02 -3.75
N PHE B 181 5.01 -6.51 -4.49
CA PHE B 181 4.69 -5.64 -5.61
C PHE B 181 5.07 -6.27 -6.95
N TYR B 182 6.35 -6.61 -7.15
CA TYR B 182 6.79 -7.00 -8.48
C TYR B 182 6.35 -8.40 -8.85
N LEU B 183 6.23 -9.34 -7.89
CA LEU B 183 5.69 -10.65 -8.27
C LEU B 183 4.28 -10.52 -8.85
N PRO B 184 3.34 -9.81 -8.21
CA PRO B 184 2.08 -9.52 -8.91
C PRO B 184 2.28 -8.73 -10.19
N VAL B 185 3.24 -7.80 -10.24
CA VAL B 185 3.40 -7.00 -11.45
C VAL B 185 3.90 -7.85 -12.60
N VAL B 186 4.89 -8.71 -12.37
CA VAL B 186 5.38 -9.56 -13.46
C VAL B 186 4.33 -10.58 -13.85
N ILE B 187 3.54 -11.07 -12.88
CA ILE B 187 2.47 -12.00 -13.23
C ILE B 187 1.43 -11.31 -14.10
N MET B 188 1.06 -10.07 -13.76
CA MET B 188 0.20 -9.28 -14.64
C MET B 188 0.80 -9.10 -16.03
N THR B 189 2.09 -8.82 -16.10
CA THR B 189 2.71 -8.59 -17.42
C THR B 189 2.62 -9.85 -18.28
N VAL B 190 3.04 -10.99 -17.73
CA VAL B 190 3.05 -12.22 -18.52
C VAL B 190 1.62 -12.67 -18.84
N LEU B 191 0.69 -12.50 -17.90
CA LEU B 191 -0.69 -12.91 -18.15
C LEU B 191 -1.36 -12.00 -19.17
N TYR B 192 -1.02 -10.70 -19.16
CA TYR B 192 -1.55 -9.79 -20.16
C TYR B 192 -1.04 -10.15 -21.54
N ILE B 193 0.25 -10.48 -21.65
CA ILE B 193 0.79 -10.92 -22.94
C ILE B 193 0.09 -12.19 -23.42
N HIS B 194 -0.08 -13.16 -22.51
CA HIS B 194 -0.72 -14.41 -22.87
C HIS B 194 -2.18 -14.18 -23.30
N ILE B 195 -2.90 -13.34 -22.57
CA ILE B 195 -4.28 -13.04 -22.91
C ILE B 195 -4.36 -12.36 -24.26
N SER B 196 -3.47 -11.40 -24.52
CA SER B 196 -3.48 -10.71 -25.80
C SER B 196 -3.25 -11.67 -26.95
N LEU B 197 -2.23 -12.54 -26.82
CA LEU B 197 -1.95 -13.47 -27.91
C LEU B 197 -3.08 -14.47 -28.11
N ALA B 198 -3.65 -14.99 -27.01
CA ALA B 198 -4.73 -15.95 -27.13
C ALA B 198 -5.97 -15.32 -27.77
N SER B 199 -6.31 -14.08 -27.36
CA SER B 199 -7.45 -13.40 -27.95
C SER B 199 -7.22 -13.12 -29.43
N ARG B 200 -6.01 -12.69 -29.80
CA ARG B 200 -5.70 -12.45 -31.19
C ARG B 200 -5.84 -13.72 -32.01
N SER B 201 -5.31 -14.83 -31.50
CA SER B 201 -5.42 -16.10 -32.22
C SER B 201 -6.88 -16.54 -32.36
N ARG B 202 -7.67 -16.38 -31.29
CA ARG B 202 -9.07 -16.79 -31.35
C ARG B 202 -9.85 -15.93 -32.34
N VAL B 203 -9.64 -14.62 -32.33
CA VAL B 203 -10.41 -13.73 -33.18
C VAL B 203 -10.00 -13.89 -34.65
N MET B 304 -21.13 -9.58 -28.94
CA MET B 304 -20.35 -10.36 -27.99
C MET B 304 -18.90 -9.93 -27.98
N ALA B 305 -18.32 -9.69 -29.15
CA ALA B 305 -16.94 -9.22 -29.22
C ALA B 305 -16.79 -7.85 -28.60
N ALA B 306 -17.77 -6.97 -28.80
CA ALA B 306 -17.72 -5.65 -28.20
C ALA B 306 -17.73 -5.73 -26.68
N ARG B 307 -18.60 -6.58 -26.12
CA ARG B 307 -18.65 -6.69 -24.67
C ARG B 307 -17.37 -7.34 -24.12
N GLU B 308 -16.82 -8.31 -24.86
CA GLU B 308 -15.55 -8.92 -24.43
C GLU B 308 -14.42 -7.90 -24.44
N ARG B 309 -14.37 -7.07 -25.48
CA ARG B 309 -13.35 -6.03 -25.55
C ARG B 309 -13.54 -5.01 -24.44
N LYS B 310 -14.79 -4.70 -24.11
CA LYS B 310 -15.05 -3.79 -23.00
C LYS B 310 -14.54 -4.37 -21.68
N VAL B 311 -14.79 -5.65 -21.43
CA VAL B 311 -14.30 -6.28 -20.21
C VAL B 311 -12.77 -6.28 -20.18
N THR B 312 -12.14 -6.60 -21.31
CA THR B 312 -10.69 -6.61 -21.38
C THR B 312 -10.13 -5.22 -21.11
N ARG B 313 -10.74 -4.18 -21.69
CA ARG B 313 -10.29 -2.83 -21.46
C ARG B 313 -10.47 -2.42 -20.01
N THR B 314 -11.55 -2.85 -19.37
CA THR B 314 -11.76 -2.55 -17.96
C THR B 314 -10.67 -3.17 -17.10
N ILE B 315 -10.35 -4.45 -17.35
CA ILE B 315 -9.29 -5.10 -16.58
C ILE B 315 -7.96 -4.43 -16.83
N PHE B 316 -7.66 -4.09 -18.09
CA PHE B 316 -6.41 -3.42 -18.41
C PHE B 316 -6.32 -2.06 -17.73
N ALA B 317 -7.43 -1.32 -17.70
CA ALA B 317 -7.44 -0.02 -17.05
C ALA B 317 -7.19 -0.15 -15.55
N ILE B 318 -7.83 -1.13 -14.90
CA ILE B 318 -7.60 -1.34 -13.47
C ILE B 318 -6.13 -1.67 -13.21
N LEU B 319 -5.58 -2.58 -14.01
CA LEU B 319 -4.19 -2.98 -13.85
C LEU B 319 -3.25 -1.79 -14.05
N LEU B 320 -3.49 -1.00 -15.10
CA LEU B 320 -2.63 0.15 -15.39
C LEU B 320 -2.71 1.18 -14.28
N ALA B 321 -3.92 1.46 -13.79
CA ALA B 321 -4.07 2.42 -12.70
C ALA B 321 -3.31 1.95 -11.47
N PHE B 322 -3.46 0.67 -11.11
CA PHE B 322 -2.77 0.15 -9.93
C PHE B 322 -1.27 0.26 -10.08
N ILE B 323 -0.73 -0.19 -11.21
CA ILE B 323 0.73 -0.19 -11.37
C ILE B 323 1.25 1.24 -11.42
N LEU B 324 0.56 2.13 -12.13
CA LEU B 324 1.02 3.51 -12.25
C LEU B 324 1.02 4.19 -10.88
N THR B 325 0.00 3.95 -10.07
CA THR B 325 -0.06 4.60 -8.77
C THR B 325 0.96 4.02 -7.80
N TRP B 326 1.12 2.70 -7.79
CA TRP B 326 2.00 2.08 -6.80
C TRP B 326 3.46 2.00 -7.24
N THR B 327 3.78 2.37 -8.47
CA THR B 327 5.17 2.34 -8.91
C THR B 327 6.09 3.26 -8.11
N PRO B 328 5.78 4.55 -7.92
CA PRO B 328 6.76 5.43 -7.25
C PRO B 328 7.16 4.98 -5.86
N TYR B 329 6.21 4.43 -5.08
CA TYR B 329 6.52 3.97 -3.74
C TYR B 329 7.60 2.90 -3.76
N ASN B 330 7.44 1.89 -4.61
CA ASN B 330 8.43 0.82 -4.71
C ASN B 330 9.72 1.31 -5.34
N VAL B 331 9.65 2.27 -6.26
CA VAL B 331 10.87 2.84 -6.83
C VAL B 331 11.71 3.48 -5.74
N MET B 332 11.08 4.29 -4.89
CA MET B 332 11.82 4.92 -3.79
C MET B 332 12.29 3.88 -2.78
N VAL B 333 11.49 2.84 -2.54
CA VAL B 333 11.91 1.78 -1.62
C VAL B 333 13.18 1.12 -2.14
N LEU B 334 13.24 0.84 -3.44
CA LEU B 334 14.46 0.30 -4.03
C LEU B 334 15.60 1.31 -3.92
N VAL B 335 15.31 2.60 -4.11
CA VAL B 335 16.36 3.61 -4.04
C VAL B 335 16.98 3.63 -2.66
N ASN B 336 16.17 3.44 -1.61
CA ASN B 336 16.72 3.36 -0.26
C ASN B 336 17.64 2.16 -0.07
N THR B 337 17.59 1.19 -0.97
CA THR B 337 18.54 0.08 -0.94
C THR B 337 19.81 0.39 -1.74
N PHE B 338 19.85 1.52 -2.43
CA PHE B 338 21.07 1.92 -3.13
C PHE B 338 22.07 2.54 -2.17
N CYS B 339 21.65 3.59 -1.46
CA CYS B 339 22.50 4.20 -0.43
C CYS B 339 21.68 4.38 0.84
N GLN B 340 22.23 5.12 1.81
CA GLN B 340 21.51 5.45 3.03
C GLN B 340 20.96 6.87 2.93
N SER B 341 19.67 7.02 3.21
CA SER B 341 18.98 8.31 3.13
C SER B 341 19.15 8.95 1.75
N CYS B 342 18.91 8.15 0.70
CA CYS B 342 18.96 8.67 -0.65
C CYS B 342 17.79 9.59 -0.96
N ILE B 343 16.73 9.55 -0.16
CA ILE B 343 15.48 10.22 -0.51
C ILE B 343 15.01 11.10 0.64
N PRO B 344 14.54 12.33 0.37
CA PRO B 344 14.04 13.20 1.45
C PRO B 344 12.73 12.70 2.07
N ASP B 345 12.19 13.47 3.00
CA ASP B 345 11.02 13.05 3.78
C ASP B 345 9.69 13.55 3.23
N THR B 346 9.60 14.82 2.82
CA THR B 346 8.34 15.31 2.27
C THR B 346 8.00 14.61 0.96
N VAL B 347 9.02 14.27 0.15
CA VAL B 347 8.76 13.51 -1.06
C VAL B 347 8.25 12.12 -0.72
N TRP B 348 8.75 11.52 0.38
CA TRP B 348 8.19 10.26 0.85
C TRP B 348 6.74 10.42 1.26
N SER B 349 6.42 11.51 1.95
CA SER B 349 5.04 11.76 2.35
C SER B 349 4.14 11.83 1.14
N ILE B 350 4.54 12.61 0.12
CA ILE B 350 3.71 12.76 -1.07
C ILE B 350 3.62 11.44 -1.84
N GLY B 351 4.71 10.68 -1.88
CA GLY B 351 4.69 9.41 -2.59
C GLY B 351 3.72 8.42 -1.98
N TYR B 352 3.81 8.23 -0.66
CA TYR B 352 2.87 7.35 -0.01
C TYR B 352 1.47 7.95 -0.03
N TRP B 353 1.34 9.26 -0.22
CA TRP B 353 0.03 9.86 -0.37
C TRP B 353 -0.62 9.44 -1.69
N LEU B 354 0.12 9.57 -2.80
CA LEU B 354 -0.50 9.16 -4.06
C LEU B 354 -0.48 7.65 -4.23
N CYS B 355 0.10 6.92 -3.28
CA CYS B 355 -0.10 5.48 -3.26
C CYS B 355 -1.58 5.11 -3.13
N TYR B 356 -2.42 6.03 -2.66
CA TYR B 356 -3.86 5.84 -2.62
C TYR B 356 -4.58 6.36 -3.85
N VAL B 357 -3.85 6.93 -4.82
CA VAL B 357 -4.48 7.38 -6.04
C VAL B 357 -5.05 6.21 -6.83
N ASN B 358 -4.57 4.99 -6.58
CA ASN B 358 -5.24 3.81 -7.12
C ASN B 358 -6.67 3.73 -6.61
N SER B 359 -6.84 3.83 -5.29
CA SER B 359 -8.17 3.79 -4.70
C SER B 359 -9.02 4.97 -5.17
N THR B 360 -8.40 6.12 -5.40
CA THR B 360 -9.16 7.25 -5.94
C THR B 360 -9.61 6.97 -7.37
N ILE B 361 -8.73 6.44 -8.21
CA ILE B 361 -8.98 6.32 -9.64
C ILE B 361 -10.02 5.24 -9.92
N ASN B 362 -9.93 4.09 -9.24
CA ASN B 362 -10.76 2.95 -9.61
C ASN B 362 -12.25 3.25 -9.69
N PRO B 363 -12.90 3.87 -8.70
CA PRO B 363 -14.34 4.13 -8.84
C PRO B 363 -14.68 5.01 -10.04
N ALA B 364 -13.82 5.99 -10.36
CA ALA B 364 -14.06 6.82 -11.53
C ALA B 364 -13.76 6.07 -12.82
N CYS B 365 -12.67 5.30 -12.83
CA CYS B 365 -12.31 4.55 -14.02
C CYS B 365 -13.34 3.48 -14.36
N TYR B 366 -14.10 3.02 -13.36
CA TYR B 366 -15.17 2.06 -13.63
C TYR B 366 -16.18 2.63 -14.62
N ALA B 367 -16.66 3.85 -14.35
CA ALA B 367 -17.59 4.49 -15.27
C ALA B 367 -16.87 5.01 -16.51
N LEU B 368 -15.59 5.38 -16.39
CA LEU B 368 -14.86 5.90 -17.53
C LEU B 368 -14.70 4.85 -18.62
N CYS B 369 -14.43 3.60 -18.23
CA CYS B 369 -14.17 2.55 -19.21
C CYS B 369 -15.41 1.73 -19.55
N ASN B 370 -16.25 1.42 -18.56
CA ASN B 370 -17.42 0.58 -18.76
C ASN B 370 -18.59 1.46 -19.19
N ALA B 371 -19.15 1.15 -20.37
CA ALA B 371 -20.26 1.95 -20.89
C ALA B 371 -21.50 1.84 -20.02
N THR B 372 -21.82 0.62 -19.56
CA THR B 372 -22.97 0.44 -18.69
C THR B 372 -22.77 1.20 -17.38
N PHE B 373 -21.56 1.16 -16.83
CA PHE B 373 -21.27 1.97 -15.64
C PHE B 373 -21.40 3.46 -15.94
N LYS B 374 -20.98 3.88 -17.13
CA LYS B 374 -21.09 5.29 -17.51
C LYS B 374 -22.55 5.74 -17.56
N LYS B 375 -23.42 4.91 -18.14
CA LYS B 375 -24.83 5.29 -18.23
C LYS B 375 -25.54 5.15 -16.90
N THR B 376 -25.06 4.25 -16.03
CA THR B 376 -25.65 4.10 -14.70
C THR B 376 -25.22 5.21 -13.75
N PHE B 377 -24.05 5.79 -13.99
CA PHE B 377 -23.54 6.86 -13.14
C PHE B 377 -24.45 8.08 -13.15
N ARG B 378 -24.90 8.49 -14.34
CA ARG B 378 -25.80 9.63 -14.45
C ARG B 378 -27.12 9.36 -13.74
N HIS B 379 -27.66 8.15 -13.90
CA HIS B 379 -28.93 7.82 -13.26
C HIS B 379 -28.81 7.81 -11.74
N LEU B 380 -27.70 7.27 -11.22
CA LEU B 380 -27.54 7.14 -9.78
C LEU B 380 -27.01 8.39 -9.10
N LEU B 381 -26.52 9.38 -9.85
CA LEU B 381 -26.21 10.66 -9.21
C LEU B 381 -27.46 11.38 -8.74
N LEU B 382 -28.62 11.12 -9.33
CA LEU B 382 -29.85 11.81 -9.00
C LEU B 382 -30.67 11.09 -7.93
#